data_4PNC
#
_entry.id   4PNC
#
_cell.length_a   39.010
_cell.length_b   66.820
_cell.length_c   48.450
_cell.angle_alpha   90.00
_cell.angle_beta   111.15
_cell.angle_gamma   90.00
#
_symmetry.space_group_name_H-M   'P 1 21 1'
#
loop_
_entity.id
_entity.type
_entity.pdbx_description
1 polymer 'Methionine aminopeptidase'
2 non-polymer (2S)-7-methoxy-2-methyl-3,4-dihydronaphthalen-1(2H)-one
3 non-polymer 'COBALT (II) ION'
4 non-polymer 'SODIUM ION'
5 water water
#
_entity_poly.entity_id   1
_entity_poly.type   'polypeptide(L)'
_entity_poly.pdbx_seq_one_letter_code
;MAISIKTPEDIEKMRVAGRLAAEVLEMIEPYVKPGVSTGELDRICNDYIVNEQHAVSACLGYHGYPKSVCISINEVVCHG
IPDDAKLLKDGDIVNIDVTVIKDGFHGDTSKMFIVGKPTIMGERLCRITQESLYLALRMVKPGINLREIGAAIQKFVEAE
GFSVVREYCGHGIGQGFHEEPQVLHYDSRETNVVLKPGMTFTIEPMVNAGKKEIRTMKDGWTVKTKDRSLSAQYEHTIVV
TDNGCEILTLRKDDTIPAIISHDE
;
_entity_poly.pdbx_strand_id   A
#
loop_
_chem_comp.id
_chem_comp.type
_chem_comp.name
_chem_comp.formula
7NP non-polymer (2S)-7-methoxy-2-methyl-3,4-dihydronaphthalen-1(2H)-one 'C12 H14 O2'
CO non-polymer 'COBALT (II) ION' 'Co 2'
NA non-polymer 'SODIUM ION' 'Na 1'
#
# COMPACT_ATOMS: atom_id res chain seq x y z
N ALA A 2 6.54 11.94 18.61
CA ALA A 2 6.47 13.00 17.59
C ALA A 2 6.76 12.33 16.26
N ILE A 3 6.67 13.14 15.22
CA ILE A 3 6.96 12.69 13.88
C ILE A 3 8.44 12.98 13.66
N SER A 4 9.15 11.98 13.16
CA SER A 4 10.59 12.21 12.87
C SER A 4 10.78 12.88 11.54
N ILE A 5 11.66 13.85 11.44
CA ILE A 5 12.11 14.42 10.18
C ILE A 5 13.33 13.64 9.73
N LYS A 6 13.38 13.11 8.52
CA LYS A 6 14.52 12.36 8.07
C LYS A 6 15.60 13.31 7.52
N THR A 7 16.84 12.96 7.82
CA THR A 7 17.96 13.68 7.27
C THR A 7 18.16 13.38 5.79
N PRO A 8 18.97 14.15 5.06
CA PRO A 8 19.24 13.80 3.69
C PRO A 8 19.83 12.37 3.53
N GLU A 9 20.65 11.92 4.48
CA GLU A 9 21.27 10.60 4.38
C GLU A 9 20.18 9.53 4.65
N ASP A 10 19.28 9.80 5.59
CA ASP A 10 18.16 8.88 5.85
C ASP A 10 17.35 8.78 4.54
N ILE A 11 17.07 9.90 3.90
CA ILE A 11 16.21 9.92 2.69
C ILE A 11 16.87 9.10 1.60
N GLU A 12 18.17 9.19 1.44
N GLU A 12 18.18 9.20 1.43
CA GLU A 12 18.81 8.35 0.43
CA GLU A 12 18.88 8.33 0.43
C GLU A 12 18.62 6.86 0.73
C GLU A 12 18.63 6.85 0.72
N LYS A 13 18.68 6.50 2.01
CA LYS A 13 18.46 5.09 2.39
CA LYS A 13 18.47 5.11 2.45
C LYS A 13 17.00 4.66 2.14
N MET A 14 16.09 5.60 2.34
CA MET A 14 14.68 5.31 2.03
CA MET A 14 14.64 5.38 2.04
C MET A 14 14.42 5.23 0.53
N ARG A 15 15.16 5.99 -0.28
CA ARG A 15 15.10 5.77 -1.76
C ARG A 15 15.47 4.34 -2.11
N VAL A 16 16.56 3.84 -1.57
CA VAL A 16 17.01 2.54 -1.88
C VAL A 16 15.97 1.48 -1.40
N ALA A 17 15.49 1.59 -0.18
CA ALA A 17 14.53 0.58 0.33
C ALA A 17 13.20 0.68 -0.46
N GLY A 18 12.80 1.89 -0.83
CA GLY A 18 11.53 2.03 -1.56
C GLY A 18 11.63 1.46 -2.96
N ARG A 19 12.79 1.62 -3.59
CA ARG A 19 13.05 1.04 -4.88
CA ARG A 19 12.97 1.05 -4.89
C ARG A 19 13.00 -0.48 -4.81
N LEU A 20 13.65 -1.04 -3.81
CA LEU A 20 13.62 -2.54 -3.66
C LEU A 20 12.17 -3.03 -3.53
N ALA A 21 11.37 -2.33 -2.76
CA ALA A 21 10.01 -2.78 -2.56
C ALA A 21 9.21 -2.68 -3.88
N ALA A 22 9.37 -1.58 -4.60
CA ALA A 22 8.76 -1.47 -5.86
C ALA A 22 9.19 -2.59 -6.85
N GLU A 23 10.45 -2.90 -6.84
CA GLU A 23 11.02 -3.90 -7.68
C GLU A 23 10.44 -5.27 -7.40
N VAL A 24 10.09 -5.57 -6.15
CA VAL A 24 9.45 -6.84 -5.88
C VAL A 24 8.10 -6.89 -6.66
N LEU A 25 7.37 -5.79 -6.63
CA LEU A 25 6.07 -5.74 -7.33
C LEU A 25 6.26 -5.84 -8.84
N GLU A 26 7.31 -5.21 -9.37
CA GLU A 26 7.60 -5.31 -10.80
C GLU A 26 7.89 -6.78 -11.15
N MET A 27 8.77 -7.40 -10.39
CA MET A 27 9.24 -8.79 -10.65
C MET A 27 8.14 -9.80 -10.63
N ILE A 28 7.18 -9.62 -9.70
CA ILE A 28 6.26 -10.71 -9.43
C ILE A 28 5.19 -10.73 -10.52
N GLU A 29 4.98 -9.62 -11.25
CA GLU A 29 3.85 -9.54 -12.20
CA GLU A 29 3.86 -9.53 -12.19
C GLU A 29 3.65 -10.75 -13.15
N PRO A 30 4.68 -11.16 -13.89
CA PRO A 30 4.42 -12.29 -14.82
C PRO A 30 4.04 -13.58 -14.19
N TYR A 31 4.28 -13.75 -12.86
CA TYR A 31 3.93 -14.97 -12.21
C TYR A 31 2.43 -15.05 -11.81
N VAL A 32 1.75 -13.87 -11.86
CA VAL A 32 0.36 -13.74 -11.35
C VAL A 32 -0.54 -14.18 -12.50
N LYS A 33 -1.03 -15.38 -12.44
CA LYS A 33 -1.84 -15.96 -13.51
C LYS A 33 -2.74 -17.04 -12.91
N PRO A 34 -3.81 -17.43 -13.66
CA PRO A 34 -4.66 -18.49 -13.16
C PRO A 34 -3.89 -19.75 -12.89
N GLY A 35 -4.19 -20.36 -11.78
CA GLY A 35 -3.52 -21.59 -11.35
C GLY A 35 -2.34 -21.45 -10.45
N VAL A 36 -1.83 -20.22 -10.24
CA VAL A 36 -0.69 -20.08 -9.30
C VAL A 36 -1.25 -19.97 -7.90
N SER A 37 -0.52 -20.48 -6.90
CA SER A 37 -0.92 -20.28 -5.58
C SER A 37 -0.35 -19.01 -4.95
N THR A 38 -1.01 -18.53 -3.95
CA THR A 38 -0.54 -17.34 -3.20
C THR A 38 0.63 -17.73 -2.39
N GLY A 39 0.68 -18.99 -1.90
CA GLY A 39 1.92 -19.40 -1.25
C GLY A 39 3.15 -19.39 -2.10
N GLU A 40 3.03 -19.81 -3.34
N GLU A 40 3.03 -19.83 -3.37
CA GLU A 40 4.13 -19.81 -4.23
CA GLU A 40 4.14 -19.80 -4.32
C GLU A 40 4.55 -18.37 -4.55
C GLU A 40 4.55 -18.36 -4.57
N LEU A 41 3.58 -17.46 -4.73
CA LEU A 41 3.94 -16.05 -4.96
C LEU A 41 4.76 -15.50 -3.80
N ASP A 42 4.32 -15.84 -2.57
CA ASP A 42 5.07 -15.37 -1.38
C ASP A 42 6.49 -15.93 -1.38
N ARG A 43 6.66 -17.23 -1.68
CA ARG A 43 7.98 -17.81 -1.68
C ARG A 43 8.87 -17.11 -2.71
N ILE A 44 8.33 -16.83 -3.89
CA ILE A 44 9.11 -16.16 -4.91
C ILE A 44 9.56 -14.80 -4.38
N CYS A 45 8.62 -14.07 -3.77
CA CYS A 45 8.97 -12.73 -3.27
C CYS A 45 10.03 -12.84 -2.22
N ASN A 46 9.87 -13.73 -1.25
CA ASN A 46 10.81 -13.84 -0.16
C ASN A 46 12.21 -14.19 -0.67
N ASP A 47 12.26 -15.15 -1.58
N ASP A 47 12.30 -15.17 -1.59
CA ASP A 47 13.52 -15.60 -2.11
CA ASP A 47 13.60 -15.58 -2.10
C ASP A 47 14.19 -14.46 -2.85
C ASP A 47 14.22 -14.41 -2.84
N TYR A 48 13.41 -13.63 -3.57
CA TYR A 48 13.99 -12.52 -4.30
C TYR A 48 14.55 -11.46 -3.33
N ILE A 49 13.78 -11.09 -2.32
CA ILE A 49 14.23 -10.11 -1.33
C ILE A 49 15.52 -10.56 -0.65
N VAL A 50 15.52 -11.82 -0.17
CA VAL A 50 16.66 -12.32 0.61
C VAL A 50 17.85 -12.55 -0.29
N ASN A 51 17.69 -13.28 -1.38
CA ASN A 51 18.84 -13.82 -2.14
C ASN A 51 19.29 -12.91 -3.23
N GLU A 52 18.38 -12.14 -3.79
CA GLU A 52 18.71 -11.20 -4.87
C GLU A 52 18.95 -9.79 -4.35
N GLN A 53 17.99 -9.27 -3.56
CA GLN A 53 18.12 -7.95 -3.06
C GLN A 53 19.06 -7.83 -1.84
N HIS A 54 19.41 -8.97 -1.21
CA HIS A 54 20.18 -8.95 -0.02
C HIS A 54 19.56 -8.04 1.01
N ALA A 55 18.24 -8.17 1.13
CA ALA A 55 17.47 -7.43 2.11
C ALA A 55 16.58 -8.39 2.93
N VAL A 56 15.60 -7.89 3.66
CA VAL A 56 14.69 -8.76 4.36
CA VAL A 56 14.71 -8.70 4.45
C VAL A 56 13.27 -8.18 4.31
N SER A 57 12.31 -9.08 4.41
CA SER A 57 10.88 -8.67 4.53
C SER A 57 10.61 -8.17 5.94
N ALA A 58 10.02 -6.98 6.08
CA ALA A 58 9.57 -6.48 7.33
C ALA A 58 8.39 -7.16 7.87
N CYS A 59 7.65 -7.80 6.98
N CYS A 59 7.62 -7.88 7.08
CA CYS A 59 6.38 -8.44 7.29
CA CYS A 59 6.46 -8.58 7.65
C CYS A 59 6.66 -9.84 8.01
C CYS A 59 6.77 -9.87 8.29
N LEU A 60 7.75 -10.57 7.74
CA LEU A 60 8.02 -11.92 8.27
C LEU A 60 8.40 -11.86 9.73
N GLY A 61 7.57 -12.43 10.57
CA GLY A 61 7.72 -12.39 11.98
C GLY A 61 7.10 -11.16 12.74
N TYR A 62 6.54 -10.22 11.97
CA TYR A 62 6.04 -9.01 12.54
CA TYR A 62 5.92 -8.97 12.43
C TYR A 62 4.80 -9.32 13.32
N HIS A 63 4.95 -9.13 14.63
CA HIS A 63 3.90 -9.53 15.57
C HIS A 63 3.50 -10.99 15.35
N GLY A 64 4.42 -11.85 14.86
CA GLY A 64 4.15 -13.24 14.65
C GLY A 64 3.68 -13.65 13.27
N TYR A 65 3.56 -12.65 12.40
CA TYR A 65 3.05 -12.98 11.04
C TYR A 65 3.94 -13.95 10.34
N PRO A 66 3.41 -14.98 9.69
CA PRO A 66 4.14 -16.13 9.30
C PRO A 66 4.73 -16.09 7.91
N LYS A 67 4.32 -15.13 7.09
CA LYS A 67 4.73 -15.04 5.68
C LYS A 67 5.43 -13.71 5.44
N SER A 68 5.92 -13.54 4.20
CA SER A 68 6.74 -12.38 3.85
CA SER A 68 6.79 -12.45 3.75
C SER A 68 6.06 -11.22 3.23
N VAL A 69 4.95 -11.48 2.56
CA VAL A 69 4.10 -10.46 1.97
C VAL A 69 2.67 -10.74 2.36
N CYS A 70 1.79 -9.76 2.20
CA CYS A 70 0.35 -10.01 2.37
C CYS A 70 -0.27 -10.04 0.98
N ILE A 71 -1.11 -11.04 0.74
CA ILE A 71 -1.76 -11.25 -0.54
C ILE A 71 -3.26 -11.32 -0.31
N SER A 72 -3.99 -10.39 -0.82
CA SER A 72 -5.39 -10.20 -0.50
C SER A 72 -6.28 -10.29 -1.73
N ILE A 73 -7.09 -11.31 -1.86
CA ILE A 73 -7.92 -11.57 -3.03
C ILE A 73 -9.36 -11.11 -2.85
N ASN A 74 -9.91 -10.41 -3.81
CA ASN A 74 -11.35 -10.13 -3.91
C ASN A 74 -11.90 -9.52 -2.66
N GLU A 75 -12.81 -10.15 -1.91
CA GLU A 75 -13.38 -9.50 -0.73
C GLU A 75 -12.43 -9.39 0.43
N VAL A 76 -11.22 -9.91 0.36
CA VAL A 76 -10.26 -9.73 1.45
C VAL A 76 -9.69 -8.36 1.30
N VAL A 77 -9.79 -7.55 2.34
CA VAL A 77 -9.39 -6.14 2.34
C VAL A 77 -7.91 -5.94 2.49
N CYS A 78 -7.33 -6.67 3.42
CA CYS A 78 -5.94 -6.57 3.73
C CYS A 78 -5.48 -7.75 4.57
N HIS A 79 -4.17 -7.96 4.64
CA HIS A 79 -3.51 -8.92 5.50
C HIS A 79 -3.82 -10.27 5.16
N GLY A 80 -4.20 -10.54 3.89
CA GLY A 80 -4.38 -11.92 3.49
C GLY A 80 -3.14 -12.72 3.61
N ILE A 81 -3.25 -13.96 4.05
CA ILE A 81 -2.07 -14.81 4.32
C ILE A 81 -1.82 -15.72 3.16
N PRO A 82 -0.64 -15.65 2.52
CA PRO A 82 -0.26 -16.56 1.46
C PRO A 82 -0.47 -18.02 1.91
N ASP A 83 -0.97 -18.84 1.01
CA ASP A 83 -1.39 -20.26 1.34
C ASP A 83 -1.09 -21.10 0.12
N ASP A 84 -0.37 -22.20 0.29
CA ASP A 84 -0.06 -23.08 -0.85
C ASP A 84 -1.29 -23.67 -1.52
N ALA A 85 -2.39 -23.68 -0.83
CA ALA A 85 -3.61 -24.32 -1.35
C ALA A 85 -4.50 -23.33 -2.08
N LYS A 86 -4.16 -22.02 -2.02
CA LYS A 86 -5.09 -21.04 -2.53
C LYS A 86 -4.69 -20.59 -3.92
N LEU A 87 -5.48 -20.99 -4.95
CA LEU A 87 -5.09 -20.78 -6.32
C LEU A 87 -5.90 -19.59 -6.85
N LEU A 88 -5.21 -18.85 -7.70
CA LEU A 88 -5.86 -17.74 -8.36
C LEU A 88 -6.61 -18.26 -9.57
N LYS A 89 -7.56 -17.42 -9.98
CA LYS A 89 -8.39 -17.74 -11.13
C LYS A 89 -8.82 -16.53 -11.88
N ASP A 90 -9.28 -16.72 -13.12
CA ASP A 90 -9.76 -15.65 -13.96
C ASP A 90 -10.71 -14.78 -13.20
N GLY A 91 -10.45 -13.50 -13.35
CA GLY A 91 -11.27 -12.46 -12.80
C GLY A 91 -10.88 -11.97 -11.43
N ASP A 92 -10.03 -12.71 -10.73
CA ASP A 92 -9.67 -12.33 -9.39
C ASP A 92 -8.92 -10.99 -9.40
N ILE A 93 -9.18 -10.20 -8.40
CA ILE A 93 -8.37 -9.00 -8.11
C ILE A 93 -7.51 -9.32 -6.90
N VAL A 94 -6.23 -8.99 -6.97
CA VAL A 94 -5.30 -9.38 -5.87
CA VAL A 94 -5.24 -9.43 -5.98
C VAL A 94 -4.37 -8.26 -5.58
N ASN A 95 -4.35 -7.93 -4.28
CA ASN A 95 -3.37 -6.96 -3.77
C ASN A 95 -2.15 -7.77 -3.28
N ILE A 96 -0.95 -7.30 -3.62
CA ILE A 96 0.31 -7.77 -2.97
C ILE A 96 0.90 -6.54 -2.31
N ASP A 97 1.06 -6.62 -0.97
CA ASP A 97 1.65 -5.57 -0.14
C ASP A 97 3.00 -6.01 0.35
N VAL A 98 4.00 -5.24 -0.02
CA VAL A 98 5.42 -5.58 0.29
C VAL A 98 6.00 -4.54 1.17
N THR A 99 6.81 -4.94 2.16
CA THR A 99 7.68 -3.98 2.86
C THR A 99 9.04 -4.61 3.07
N VAL A 100 10.03 -3.98 2.48
CA VAL A 100 11.42 -4.41 2.57
C VAL A 100 12.22 -3.50 3.50
N ILE A 101 13.09 -4.14 4.25
CA ILE A 101 14.04 -3.42 5.07
C ILE A 101 15.41 -3.56 4.47
N LYS A 102 16.09 -2.42 4.27
CA LYS A 102 17.48 -2.44 3.73
C LYS A 102 18.25 -1.40 4.52
N ASP A 103 19.39 -1.78 5.09
CA ASP A 103 20.16 -0.85 5.93
C ASP A 103 19.32 -0.18 7.00
N GLY A 104 18.41 -0.97 7.55
CA GLY A 104 17.55 -0.53 8.60
C GLY A 104 16.42 0.46 8.23
N PHE A 105 16.24 0.69 6.95
CA PHE A 105 15.13 1.57 6.52
C PHE A 105 14.10 0.77 5.74
N HIS A 106 12.85 1.19 5.91
CA HIS A 106 11.72 0.48 5.30
C HIS A 106 11.24 1.13 4.04
N GLY A 107 10.83 0.30 3.09
CA GLY A 107 10.08 0.74 1.91
C GLY A 107 8.81 -0.10 1.75
N ASP A 108 7.67 0.59 1.59
CA ASP A 108 6.38 -0.05 1.77
C ASP A 108 5.46 0.28 0.57
N THR A 109 4.98 -0.70 -0.15
CA THR A 109 4.17 -0.41 -1.30
C THR A 109 3.29 -1.61 -1.66
N SER A 110 2.17 -1.36 -2.32
CA SER A 110 1.28 -2.42 -2.75
C SER A 110 0.65 -2.02 -4.04
N LYS A 111 0.13 -3.01 -4.78
CA LYS A 111 -0.62 -2.73 -6.00
C LYS A 111 -1.61 -3.87 -6.21
N MET A 112 -2.60 -3.62 -7.07
CA MET A 112 -3.50 -4.63 -7.51
C MET A 112 -3.03 -5.23 -8.82
N PHE A 113 -3.30 -6.52 -8.92
CA PHE A 113 -3.18 -7.34 -10.13
C PHE A 113 -4.53 -7.94 -10.44
N ILE A 114 -4.87 -7.90 -11.72
CA ILE A 114 -6.14 -8.57 -12.16
C ILE A 114 -5.66 -9.85 -12.86
N VAL A 115 -6.24 -10.95 -12.45
CA VAL A 115 -5.80 -12.27 -12.93
C VAL A 115 -6.57 -12.70 -14.16
N GLY A 116 -5.80 -12.99 -15.23
CA GLY A 116 -6.50 -13.46 -16.45
C GLY A 116 -7.49 -12.49 -17.01
N LYS A 117 -8.69 -13.01 -17.31
CA LYS A 117 -9.74 -12.21 -17.90
C LYS A 117 -10.37 -11.28 -16.87
N PRO A 118 -10.25 -9.96 -17.04
CA PRO A 118 -10.82 -9.05 -16.02
C PRO A 118 -12.33 -9.03 -16.02
N THR A 119 -12.86 -8.76 -14.88
CA THR A 119 -14.28 -8.44 -14.80
C THR A 119 -14.41 -6.89 -14.89
N ILE A 120 -15.61 -6.42 -15.28
CA ILE A 120 -15.84 -4.98 -15.36
CA ILE A 120 -15.81 -4.98 -15.39
C ILE A 120 -15.68 -4.35 -13.99
N MET A 121 -16.27 -4.98 -13.00
CA MET A 121 -16.26 -4.43 -11.64
C MET A 121 -14.86 -4.44 -11.09
N GLY A 122 -14.10 -5.49 -11.37
CA GLY A 122 -12.74 -5.52 -10.81
C GLY A 122 -11.89 -4.49 -11.46
N GLU A 123 -11.97 -4.31 -12.74
CA GLU A 123 -11.17 -3.30 -13.49
C GLU A 123 -11.54 -1.91 -12.92
N ARG A 124 -12.82 -1.61 -12.80
CA ARG A 124 -13.26 -0.25 -12.34
C ARG A 124 -12.78 0.00 -10.91
N LEU A 125 -13.00 -0.96 -10.02
CA LEU A 125 -12.67 -0.76 -8.58
C LEU A 125 -11.15 -0.49 -8.50
N CYS A 126 -10.38 -1.23 -9.20
CA CYS A 126 -8.90 -1.10 -9.13
C CYS A 126 -8.52 0.26 -9.68
N ARG A 127 -9.10 0.67 -10.80
CA ARG A 127 -8.72 1.98 -11.38
C ARG A 127 -9.10 3.10 -10.44
N ILE A 128 -10.32 3.14 -9.86
CA ILE A 128 -10.72 4.21 -8.99
C ILE A 128 -9.84 4.24 -7.78
N THR A 129 -9.48 3.07 -7.27
CA THR A 129 -8.58 3.03 -6.09
C THR A 129 -7.28 3.67 -6.41
N GLN A 130 -6.64 3.29 -7.52
CA GLN A 130 -5.33 3.92 -7.85
C GLN A 130 -5.51 5.43 -8.02
N GLU A 131 -6.62 5.81 -8.68
CA GLU A 131 -6.80 7.26 -8.87
C GLU A 131 -6.96 7.96 -7.54
N SER A 132 -7.56 7.35 -6.52
CA SER A 132 -7.69 7.95 -5.22
C SER A 132 -6.31 8.19 -4.60
N LEU A 133 -5.42 7.23 -4.76
CA LEU A 133 -4.06 7.39 -4.27
C LEU A 133 -3.37 8.53 -5.01
N TYR A 134 -3.49 8.53 -6.33
CA TYR A 134 -2.81 9.56 -7.06
C TYR A 134 -3.31 10.95 -6.71
N LEU A 135 -4.61 11.14 -6.54
CA LEU A 135 -5.10 12.46 -6.22
C LEU A 135 -4.56 12.92 -4.89
N ALA A 136 -4.36 12.00 -3.98
CA ALA A 136 -3.80 12.34 -2.66
C ALA A 136 -2.35 12.71 -2.81
N LEU A 137 -1.60 11.94 -3.59
CA LEU A 137 -0.18 12.20 -3.85
C LEU A 137 0.02 13.63 -4.39
N ARG A 138 -0.87 14.06 -5.27
CA ARG A 138 -0.79 15.40 -5.90
C ARG A 138 -1.04 16.51 -4.95
N MET A 139 -1.55 16.25 -3.77
CA MET A 139 -1.82 17.25 -2.77
C MET A 139 -0.65 17.47 -1.81
N VAL A 140 0.22 16.49 -1.64
CA VAL A 140 1.18 16.57 -0.56
C VAL A 140 2.21 17.66 -0.80
N LYS A 141 2.36 18.54 0.18
CA LYS A 141 3.39 19.62 0.12
C LYS A 141 3.49 20.15 1.57
N PRO A 142 4.60 20.88 1.89
CA PRO A 142 4.66 21.53 3.17
C PRO A 142 3.54 22.47 3.50
N GLY A 143 3.06 22.43 4.74
CA GLY A 143 2.03 23.37 5.18
C GLY A 143 0.60 22.88 4.99
N ILE A 144 0.37 21.82 4.22
CA ILE A 144 -1.02 21.24 4.11
C ILE A 144 -1.30 20.43 5.34
N ASN A 145 -2.58 20.33 5.69
CA ASN A 145 -2.98 19.41 6.78
C ASN A 145 -3.42 18.05 6.21
N LEU A 146 -2.95 16.94 6.84
CA LEU A 146 -3.42 15.58 6.43
C LEU A 146 -4.89 15.50 6.32
N ARG A 147 -5.62 16.24 7.17
CA ARG A 147 -7.10 16.18 7.06
C ARG A 147 -7.62 16.43 5.72
N GLU A 148 -7.07 17.42 5.02
N GLU A 148 -7.07 17.43 5.03
CA GLU A 148 -7.53 17.76 3.70
CA GLU A 148 -7.51 17.82 3.71
C GLU A 148 -7.30 16.63 2.70
C GLU A 148 -7.28 16.68 2.68
N ILE A 149 -6.19 15.91 2.88
CA ILE A 149 -5.92 14.79 1.99
C ILE A 149 -6.94 13.63 2.18
N GLY A 150 -7.22 13.23 3.43
CA GLY A 150 -8.15 12.20 3.73
C GLY A 150 -9.53 12.63 3.25
N ALA A 151 -9.89 13.90 3.47
CA ALA A 151 -11.16 14.40 2.89
C ALA A 151 -11.30 14.31 1.42
N ALA A 152 -10.26 14.55 0.68
CA ALA A 152 -10.27 14.54 -0.77
C ALA A 152 -10.37 13.08 -1.28
N ILE A 153 -9.69 12.13 -0.62
CA ILE A 153 -9.81 10.77 -1.05
C ILE A 153 -11.31 10.35 -0.89
N GLN A 154 -11.87 10.56 0.28
CA GLN A 154 -13.24 10.14 0.60
C GLN A 154 -14.23 10.77 -0.37
N LYS A 155 -14.11 12.07 -0.60
CA LYS A 155 -14.97 12.72 -1.57
C LYS A 155 -15.00 12.10 -2.92
N PHE A 156 -13.81 11.78 -3.47
CA PHE A 156 -13.64 11.23 -4.76
C PHE A 156 -14.22 9.82 -4.77
N VAL A 157 -13.80 8.98 -3.82
CA VAL A 157 -14.30 7.60 -3.80
C VAL A 157 -15.82 7.48 -3.71
N GLU A 158 -16.40 8.23 -2.77
CA GLU A 158 -17.89 8.16 -2.56
C GLU A 158 -18.59 8.71 -3.79
N ALA A 159 -18.05 9.70 -4.46
CA ALA A 159 -18.61 10.16 -5.74
C ALA A 159 -18.63 9.14 -6.87
N GLU A 160 -17.76 8.15 -6.77
CA GLU A 160 -17.70 7.03 -7.73
C GLU A 160 -18.48 5.84 -7.27
N GLY A 161 -19.27 5.93 -6.22
CA GLY A 161 -20.16 4.89 -5.82
C GLY A 161 -19.61 3.83 -4.90
N PHE A 162 -18.44 4.12 -4.34
CA PHE A 162 -17.72 3.15 -3.54
C PHE A 162 -17.56 3.72 -2.12
N SER A 163 -16.90 2.96 -1.26
CA SER A 163 -16.69 3.37 0.12
C SER A 163 -15.23 3.21 0.53
N VAL A 164 -14.87 3.97 1.54
CA VAL A 164 -13.48 3.99 2.08
CA VAL A 164 -13.48 3.91 2.01
C VAL A 164 -13.42 3.21 3.35
N VAL A 165 -12.50 2.27 3.49
CA VAL A 165 -12.31 1.60 4.74
C VAL A 165 -11.63 2.55 5.77
N ARG A 166 -12.19 2.53 7.00
CA ARG A 166 -11.81 3.49 8.02
CA ARG A 166 -11.77 3.48 8.03
C ARG A 166 -10.64 3.05 8.89
N GLU A 167 -10.37 1.74 9.00
N GLU A 167 -10.68 1.75 9.19
CA GLU A 167 -9.17 1.17 9.71
CA GLU A 167 -9.99 1.17 10.29
C GLU A 167 -7.89 1.01 8.84
C GLU A 167 -8.58 0.89 9.95
N TYR A 168 -6.74 0.70 9.45
N TYR A 168 -8.20 1.13 8.71
CA TYR A 168 -5.61 0.31 8.68
CA TYR A 168 -6.83 0.96 8.29
C TYR A 168 -5.06 1.49 7.87
C TYR A 168 -6.36 2.26 7.70
N CYS A 169 -4.83 2.64 8.48
N CYS A 169 -5.08 2.55 7.87
CA CYS A 169 -4.51 3.85 7.71
CA CYS A 169 -4.55 3.91 7.62
C CYS A 169 -3.08 3.80 7.21
C CYS A 169 -3.13 3.78 7.15
N GLY A 170 -2.70 4.79 6.42
CA GLY A 170 -1.28 4.99 6.10
C GLY A 170 -0.58 5.42 7.36
N HIS A 171 0.74 5.48 7.29
CA HIS A 171 1.56 5.66 8.45
C HIS A 171 2.87 6.28 8.11
N GLY A 172 3.46 6.96 9.10
CA GLY A 172 4.81 7.25 9.03
C GLY A 172 5.65 5.99 8.87
N ILE A 173 6.83 6.17 8.36
CA ILE A 173 7.76 5.10 8.10
C ILE A 173 9.20 5.58 8.05
N GLY A 174 10.13 4.71 8.43
CA GLY A 174 11.51 5.05 8.38
C GLY A 174 12.35 3.92 8.90
N GLN A 175 13.11 4.15 9.97
CA GLN A 175 13.69 2.99 10.68
C GLN A 175 12.67 2.13 11.37
N GLY A 176 11.50 2.67 11.60
CA GLY A 176 10.36 1.94 12.12
C GLY A 176 9.42 1.62 10.96
N PHE A 177 8.65 0.55 11.08
CA PHE A 177 7.70 0.18 10.01
C PHE A 177 6.50 1.09 10.12
N HIS A 178 5.82 1.19 11.28
CA HIS A 178 4.63 2.00 11.42
C HIS A 178 4.94 3.05 12.46
N GLU A 179 5.20 4.26 11.97
CA GLU A 179 5.52 5.40 12.83
C GLU A 179 4.41 6.40 12.76
N GLU A 180 4.49 7.41 13.63
CA GLU A 180 3.56 8.57 13.44
C GLU A 180 3.87 9.30 12.15
N PRO A 181 2.90 9.94 11.50
CA PRO A 181 1.53 10.01 11.94
C PRO A 181 0.63 8.90 11.40
N GLN A 182 -0.59 8.75 11.92
CA GLN A 182 -1.63 8.07 11.20
C GLN A 182 -2.08 8.91 9.98
N VAL A 183 -2.24 8.26 8.85
CA VAL A 183 -2.68 8.90 7.62
C VAL A 183 -4.05 8.34 7.25
N LEU A 184 -5.12 9.01 7.68
CA LEU A 184 -6.47 8.55 7.42
C LEU A 184 -6.84 8.83 5.98
N HIS A 185 -7.62 7.94 5.40
CA HIS A 185 -8.10 8.12 4.02
C HIS A 185 -9.56 8.64 3.87
N TYR A 186 -10.00 9.34 4.95
CA TYR A 186 -11.29 9.91 4.95
C TYR A 186 -11.25 11.16 5.79
N ASP A 187 -12.31 11.97 5.73
CA ASP A 187 -12.45 13.17 6.50
C ASP A 187 -12.74 12.88 7.96
N SER A 188 -11.93 13.43 8.81
CA SER A 188 -12.20 13.39 10.27
C SER A 188 -11.83 14.70 10.89
N ARG A 189 -12.70 15.18 11.82
CA ARG A 189 -12.40 16.34 12.59
C ARG A 189 -11.26 16.10 13.59
N GLU A 190 -10.94 14.83 13.84
CA GLU A 190 -9.83 14.47 14.74
C GLU A 190 -8.46 14.65 14.11
N THR A 191 -8.42 14.75 12.78
CA THR A 191 -7.12 14.82 12.12
C THR A 191 -6.60 16.23 12.08
N ASN A 192 -5.40 16.45 12.66
CA ASN A 192 -4.78 17.74 12.55
C ASN A 192 -3.23 17.64 12.53
N VAL A 193 -2.66 17.43 11.35
CA VAL A 193 -1.21 17.21 11.24
C VAL A 193 -0.74 18.06 10.07
N VAL A 194 0.07 19.11 10.29
CA VAL A 194 0.60 19.92 9.18
C VAL A 194 1.89 19.23 8.68
N LEU A 195 2.07 19.16 7.36
CA LEU A 195 3.26 18.50 6.82
C LEU A 195 4.45 19.44 6.73
N LYS A 196 5.63 18.85 6.85
CA LYS A 196 6.87 19.58 6.72
C LYS A 196 7.86 18.75 5.91
N PRO A 197 8.81 19.39 5.25
CA PRO A 197 9.80 18.73 4.47
C PRO A 197 10.60 17.73 5.32
N GLY A 198 10.81 16.54 4.70
CA GLY A 198 11.53 15.45 5.34
C GLY A 198 10.74 14.44 6.12
N MET A 199 9.44 14.67 6.27
N MET A 199 9.45 14.67 6.29
CA MET A 199 8.56 13.64 6.69
CA MET A 199 8.55 13.64 6.77
C MET A 199 8.50 12.57 5.62
C MET A 199 8.37 12.60 5.69
N THR A 200 8.41 11.35 6.12
CA THR A 200 8.25 10.15 5.23
C THR A 200 7.09 9.33 5.74
N PHE A 201 6.14 9.05 4.84
CA PHE A 201 4.93 8.31 5.26
C PHE A 201 4.30 7.63 4.05
N THR A 202 3.31 6.78 4.32
CA THR A 202 2.58 6.07 3.28
C THR A 202 1.23 6.61 3.11
N ILE A 203 0.67 6.40 1.91
CA ILE A 203 -0.74 6.60 1.63
C ILE A 203 -1.18 5.23 1.04
N GLU A 204 -2.26 4.68 1.52
CA GLU A 204 -2.61 3.29 1.20
C GLU A 204 -4.15 3.04 1.23
N PRO A 205 -4.90 3.81 0.48
CA PRO A 205 -6.37 3.65 0.60
C PRO A 205 -6.92 2.28 0.19
N MET A 206 -7.87 1.79 1.01
CA MET A 206 -8.59 0.64 0.72
C MET A 206 -10.00 1.05 0.41
N VAL A 207 -10.53 0.56 -0.72
CA VAL A 207 -11.81 1.00 -1.26
C VAL A 207 -12.64 -0.26 -1.46
N ASN A 208 -13.88 -0.22 -0.95
CA ASN A 208 -14.80 -1.35 -1.08
C ASN A 208 -15.84 -0.99 -2.15
N ALA A 209 -16.18 -1.94 -2.99
CA ALA A 209 -17.23 -1.70 -3.99
C ALA A 209 -18.56 -1.52 -3.25
N GLY A 210 -18.79 -2.20 -2.13
CA GLY A 210 -20.01 -2.02 -1.36
C GLY A 210 -19.88 -1.07 -0.24
N LYS A 211 -20.28 -1.48 0.96
N LYS A 211 -20.28 -1.52 0.95
CA LYS A 211 -20.24 -0.61 2.13
CA LYS A 211 -20.19 -0.98 2.05
CA LYS A 211 -20.24 -0.76 2.20
C LYS A 211 -18.89 -0.75 2.88
C LYS A 211 -18.87 -0.76 2.88
N LYS A 212 -18.62 0.19 3.77
CA LYS A 212 -17.33 0.34 4.35
C LYS A 212 -16.90 -0.65 5.42
N GLU A 213 -17.84 -1.41 6.04
CA GLU A 213 -17.48 -2.15 7.28
C GLU A 213 -16.67 -3.37 6.94
N ILE A 214 -15.79 -3.69 7.86
CA ILE A 214 -14.89 -4.84 7.72
C ILE A 214 -14.90 -5.75 8.96
N ARG A 215 -14.26 -6.91 8.83
CA ARG A 215 -14.28 -7.90 9.92
C ARG A 215 -12.99 -8.63 9.83
N THR A 216 -12.43 -8.95 10.99
CA THR A 216 -11.20 -9.71 11.05
C THR A 216 -11.57 -11.15 11.24
N MET A 217 -11.02 -12.06 10.45
CA MET A 217 -11.40 -13.44 10.47
C MET A 217 -10.74 -14.15 11.68
N LYS A 218 -11.06 -15.41 11.79
CA LYS A 218 -10.63 -16.16 12.97
C LYS A 218 -9.17 -16.54 13.01
N ASP A 219 -8.51 -16.52 11.84
CA ASP A 219 -7.09 -16.70 11.75
C ASP A 219 -6.29 -15.59 12.42
N GLY A 220 -6.95 -14.50 12.85
CA GLY A 220 -6.31 -13.38 13.51
C GLY A 220 -5.60 -12.38 12.63
N TRP A 221 -5.61 -12.65 11.33
CA TRP A 221 -4.98 -11.72 10.39
C TRP A 221 -5.90 -11.21 9.26
N THR A 222 -6.53 -12.12 8.56
CA THR A 222 -7.26 -11.81 7.35
C THR A 222 -8.41 -10.85 7.62
N VAL A 223 -8.56 -9.79 6.88
CA VAL A 223 -9.66 -8.89 7.03
C VAL A 223 -10.53 -8.96 5.78
N LYS A 224 -11.84 -9.04 5.93
CA LYS A 224 -12.74 -9.13 4.81
C LYS A 224 -13.81 -8.00 4.91
N THR A 225 -14.44 -7.71 3.80
CA THR A 225 -15.61 -6.85 3.83
C THR A 225 -16.73 -7.56 4.56
N LYS A 226 -17.44 -6.78 5.38
CA LYS A 226 -18.60 -7.37 6.10
C LYS A 226 -19.62 -7.83 5.10
N ASP A 227 -19.82 -7.11 4.02
CA ASP A 227 -20.81 -7.40 3.02
C ASP A 227 -20.40 -8.28 1.86
N ARG A 228 -19.16 -8.71 1.92
CA ARG A 228 -18.62 -9.58 0.89
C ARG A 228 -18.44 -8.95 -0.50
N SER A 229 -18.46 -7.61 -0.53
CA SER A 229 -18.14 -6.90 -1.75
C SER A 229 -16.60 -6.91 -2.01
N LEU A 230 -16.25 -6.64 -3.24
CA LEU A 230 -14.82 -6.56 -3.59
C LEU A 230 -14.18 -5.37 -2.90
N SER A 231 -12.85 -5.51 -2.64
CA SER A 231 -12.06 -4.43 -1.99
C SER A 231 -10.73 -4.37 -2.72
N ALA A 232 -10.23 -3.16 -2.93
CA ALA A 232 -8.94 -2.94 -3.60
C ALA A 232 -8.15 -1.89 -2.83
N GLN A 233 -6.83 -1.96 -3.01
CA GLN A 233 -5.88 -1.09 -2.34
C GLN A 233 -4.66 -0.84 -3.22
N TYR A 234 -4.07 0.35 -3.13
CA TYR A 234 -2.72 0.71 -3.66
C TYR A 234 -2.03 1.50 -2.62
N GLU A 235 -0.68 1.40 -2.62
CA GLU A 235 0.13 2.12 -1.65
C GLU A 235 1.39 2.61 -2.22
N HIS A 236 1.79 3.83 -1.80
CA HIS A 236 3.14 4.31 -2.03
C HIS A 236 3.71 4.87 -0.73
N THR A 237 5.05 4.82 -0.67
CA THR A 237 5.86 5.57 0.33
C THR A 237 6.37 6.86 -0.31
N ILE A 238 6.30 7.97 0.45
CA ILE A 238 6.73 9.24 -0.03
C ILE A 238 7.58 9.98 0.99
N VAL A 239 8.33 10.94 0.48
CA VAL A 239 8.97 11.94 1.32
C VAL A 239 8.42 13.33 0.93
N VAL A 240 8.11 14.14 1.90
CA VAL A 240 7.65 15.53 1.66
C VAL A 240 8.91 16.34 1.32
N THR A 241 8.85 17.04 0.21
CA THR A 241 9.97 17.89 -0.26
C THR A 241 9.62 19.35 -0.01
N ASP A 242 10.57 20.25 -0.36
CA ASP A 242 10.24 21.65 -0.15
C ASP A 242 9.11 22.14 -0.97
N ASN A 243 8.83 21.56 -2.14
CA ASN A 243 7.76 22.05 -2.96
C ASN A 243 6.73 21.02 -3.34
N GLY A 244 6.67 19.90 -2.61
CA GLY A 244 5.74 18.84 -3.02
C GLY A 244 6.12 17.54 -2.34
N CYS A 245 6.25 16.52 -3.18
CA CYS A 245 6.72 15.27 -2.63
C CYS A 245 7.48 14.52 -3.65
N GLU A 246 8.13 13.43 -3.21
CA GLU A 246 8.81 12.54 -4.07
C GLU A 246 8.30 11.09 -3.66
N ILE A 247 7.88 10.35 -4.67
CA ILE A 247 7.43 8.96 -4.49
C ILE A 247 8.64 8.08 -4.44
N LEU A 248 8.82 7.35 -3.40
CA LEU A 248 10.01 6.50 -3.24
C LEU A 248 9.82 5.09 -3.76
N THR A 249 8.56 4.67 -4.01
CA THR A 249 8.24 3.33 -4.44
C THR A 249 7.62 3.31 -5.81
N LEU A 250 7.98 4.27 -6.68
CA LEU A 250 7.43 4.28 -8.03
C LEU A 250 7.86 3.07 -8.82
N ARG A 251 6.96 2.55 -9.64
CA ARG A 251 7.22 1.49 -10.57
C ARG A 251 7.16 1.96 -12.04
N LYS A 252 7.70 1.15 -12.94
CA LYS A 252 7.57 1.45 -14.38
C LYS A 252 6.17 1.58 -14.87
N ASP A 253 5.21 0.90 -14.22
CA ASP A 253 3.82 0.97 -14.65
C ASP A 253 3.01 2.12 -14.04
N ASP A 254 3.53 2.79 -13.00
CA ASP A 254 2.91 4.00 -12.56
C ASP A 254 2.83 5.03 -13.66
N THR A 255 1.79 5.84 -13.59
CA THR A 255 1.55 6.90 -14.55
C THR A 255 1.43 8.27 -13.90
N ILE A 256 2.09 8.42 -12.77
CA ILE A 256 2.30 9.68 -12.07
C ILE A 256 3.81 9.88 -11.98
N PRO A 257 4.36 11.09 -12.13
CA PRO A 257 5.78 11.29 -11.98
C PRO A 257 6.30 11.04 -10.60
N ALA A 258 7.58 10.66 -10.47
CA ALA A 258 8.12 10.45 -9.14
C ALA A 258 8.20 11.69 -8.30
N ILE A 259 8.57 12.82 -8.91
CA ILE A 259 8.71 14.06 -8.22
C ILE A 259 7.55 14.95 -8.64
N ILE A 260 6.82 15.36 -7.61
CA ILE A 260 5.59 16.21 -7.82
C ILE A 260 5.97 17.59 -7.22
N SER A 261 5.97 18.59 -8.10
CA SER A 261 6.41 19.95 -7.78
CA SER A 261 6.36 19.93 -7.66
C SER A 261 5.24 20.92 -7.86
N HIS A 262 5.05 21.74 -6.86
CA HIS A 262 4.03 22.80 -6.95
C HIS A 262 4.68 24.14 -6.99
N ASP A 263 4.05 25.11 -7.61
CA ASP A 263 4.59 26.49 -7.42
C ASP A 263 3.99 27.53 -8.33
OAM 7NP B . 2.16 -4.87 7.78
CAJ 7NP B . 1.59 -5.88 8.13
CAB 7NP B . 0.56 -5.74 9.15
CAI 7NP B . 1.95 -7.13 7.49
CAN 7NP B . 3.42 -6.97 7.24
CAH 7NP B . 1.54 -8.26 8.38
CAG 7NP B . 0.11 -8.19 8.75
CAC 7NP B . -0.21 -6.88 9.47
CAD 7NP B . -1.22 -6.80 10.43
CAE 7NP B . -1.48 -5.60 11.06
CAF 7NP B . -0.71 -4.46 10.73
CAA 7NP B . 0.31 -4.51 9.76
OAK 7NP B . -1.08 -3.31 11.41
CAL 7NP B . -0.30 -2.17 11.19
CO CO C . 2.08 -1.90 3.01
CO CO D . 1.97 0.75 4.75
CO CO E . 23.63 -10.41 -5.42
NA NA F . -9.17 -7.41 -2.18
#